data_4U3Y
#
_entry.id   4U3Y
#
_cell.length_a   80.407
_cell.length_b   80.839
_cell.length_c   92.953
_cell.angle_alpha   90.000
_cell.angle_beta   90.000
_cell.angle_gamma   90.000
#
_symmetry.space_group_name_H-M   'P 21 21 21'
#
loop_
_entity.id
_entity.type
_entity.pdbx_description
1 polymer 'Mitogen-activated protein kinase kinase kinase kinase 4'
2 non-polymer 'DIMETHYL SULFOXIDE'
3 water water
#
_entity_poly.entity_id   1
_entity_poly.type   'polypeptide(L)'
_entity_poly.pdbx_seq_one_letter_code
;GSANDSPAKSLVDIDLSSLRDPAGIFELVEVVGNGTYGQVYKGRHVKTGQLAAIKVMDVTEDEEEEIKLEINMLKKYSHH
RNIATYYGAFIKKSPPGHDDQLWLVMEFCGAGSITDLVKNTKGNTLKEDWIAYISREILRGLAHLHIHHVIHRDIKGQNV
LLTENAEVKLVDFGVSAQLDRTVGRRNTFIGTPYWMAPEVIACDENPDATYDYRSDLWSCGITAIEMAEGAPPLCDMHPM
RALFLIPRNPPPRLKSKKWSKKFFSFIEGCLVKNYMQRPSTEQLLKHPFIRDQPNERQVRIQLKDHIDRTRKKRGEKDET
EYEYSGSEEGNS
;
_entity_poly.pdbx_strand_id   A,B
#
loop_
_chem_comp.id
_chem_comp.type
_chem_comp.name
_chem_comp.formula
DMS non-polymer 'DIMETHYL SULFOXIDE' 'C2 H6 O S'
#
# COMPACT_ATOMS: atom_id res chain seq x y z
N SER A 18 -20.34 -13.92 15.55
CA SER A 18 -18.97 -13.53 15.23
C SER A 18 -18.75 -13.40 13.71
N LEU A 19 -17.70 -12.66 13.30
CA LEU A 19 -17.34 -12.35 11.92
C LEU A 19 -16.99 -13.59 11.09
N ARG A 20 -17.72 -13.79 9.98
CA ARG A 20 -17.68 -14.96 9.11
C ARG A 20 -16.74 -14.76 7.95
N ASP A 21 -16.32 -15.88 7.34
CA ASP A 21 -15.58 -15.85 6.09
C ASP A 21 -16.62 -15.46 5.02
N PRO A 22 -16.27 -14.57 4.07
CA PRO A 22 -17.25 -14.16 3.07
C PRO A 22 -17.51 -15.15 1.93
N ALA A 23 -16.76 -16.29 1.85
CA ALA A 23 -16.96 -17.26 0.77
C ALA A 23 -18.41 -17.69 0.55
N GLY A 24 -18.90 -17.53 -0.69
CA GLY A 24 -20.28 -17.87 -1.03
C GLY A 24 -21.33 -16.86 -0.60
N ILE A 25 -20.89 -15.76 0.07
CA ILE A 25 -21.77 -14.67 0.53
C ILE A 25 -21.44 -13.42 -0.26
N PHE A 26 -20.16 -12.94 -0.21
CA PHE A 26 -19.75 -11.82 -1.02
C PHE A 26 -18.48 -12.17 -1.79
N GLU A 27 -18.34 -11.57 -2.97
CA GLU A 27 -17.13 -11.70 -3.78
C GLU A 27 -16.71 -10.34 -4.28
N LEU A 28 -15.42 -10.19 -4.57
CA LEU A 28 -14.89 -8.93 -5.07
C LEU A 28 -14.91 -9.02 -6.59
N VAL A 29 -15.44 -8.00 -7.27
CA VAL A 29 -15.55 -8.01 -8.73
C VAL A 29 -14.48 -7.13 -9.38
N GLU A 30 -14.42 -5.84 -8.99
CA GLU A 30 -13.47 -4.92 -9.59
C GLU A 30 -13.05 -3.87 -8.58
N VAL A 31 -11.85 -3.33 -8.72
CA VAL A 31 -11.35 -2.32 -7.80
C VAL A 31 -12.01 -0.98 -8.11
N VAL A 32 -12.42 -0.25 -7.05
CA VAL A 32 -12.98 1.10 -7.19
C VAL A 32 -11.93 2.05 -6.63
N GLY A 33 -11.20 1.65 -5.61
CA GLY A 33 -10.21 2.57 -5.08
C GLY A 33 -9.13 1.98 -4.19
N ASN A 34 -8.12 2.78 -3.90
CA ASN A 34 -7.02 2.41 -3.01
C ASN A 34 -6.85 3.64 -2.13
N GLY A 35 -6.87 3.48 -0.83
CA GLY A 35 -6.82 4.66 0.05
C GLY A 35 -5.86 4.57 1.21
N THR A 36 -6.17 5.34 2.28
CA THR A 36 -5.35 5.44 3.50
C THR A 36 -5.09 4.09 4.16
N TYR A 37 -6.08 3.17 4.19
CA TYR A 37 -5.89 1.95 4.98
C TYR A 37 -6.01 0.61 4.24
N GLY A 38 -6.67 0.59 3.11
CA GLY A 38 -6.90 -0.60 2.31
C GLY A 38 -7.51 -0.25 0.98
N GLN A 39 -8.21 -1.18 0.36
CA GLN A 39 -8.79 -1.00 -0.97
C GLN A 39 -10.28 -1.09 -0.95
N VAL A 40 -10.93 -0.44 -1.91
CA VAL A 40 -12.39 -0.52 -2.04
C VAL A 40 -12.67 -1.21 -3.34
N TYR A 41 -13.57 -2.19 -3.29
CA TYR A 41 -13.98 -2.90 -4.49
C TYR A 41 -15.46 -2.76 -4.73
N LYS A 42 -15.85 -2.91 -5.99
CA LYS A 42 -17.23 -3.14 -6.34
C LYS A 42 -17.29 -4.67 -6.07
N GLY A 43 -18.15 -5.05 -5.12
CA GLY A 43 -18.35 -6.43 -4.72
C GLY A 43 -19.75 -6.86 -5.10
N ARG A 44 -20.04 -8.14 -4.90
CA ARG A 44 -21.34 -8.69 -5.26
C ARG A 44 -21.79 -9.67 -4.23
N HIS A 45 -23.08 -9.61 -3.87
CA HIS A 45 -23.73 -10.56 -3.00
C HIS A 45 -23.96 -11.73 -3.92
N VAL A 46 -23.24 -12.81 -3.68
CA VAL A 46 -23.16 -13.98 -4.55
C VAL A 46 -24.52 -14.52 -5.02
N LYS A 47 -25.42 -14.77 -4.10
CA LYS A 47 -26.65 -15.43 -4.50
C LYS A 47 -27.78 -14.49 -4.98
N THR A 48 -27.63 -13.18 -4.89
CA THR A 48 -28.66 -12.29 -5.46
C THR A 48 -28.10 -11.50 -6.62
N GLY A 49 -26.79 -11.35 -6.69
CA GLY A 49 -26.16 -10.50 -7.69
C GLY A 49 -26.21 -9.03 -7.31
N GLN A 50 -26.75 -8.69 -6.12
CA GLN A 50 -26.82 -7.30 -5.66
C GLN A 50 -25.42 -6.79 -5.39
N LEU A 51 -25.14 -5.58 -5.82
CA LEU A 51 -23.81 -4.98 -5.68
C LEU A 51 -23.59 -4.47 -4.28
N ALA A 52 -22.30 -4.29 -3.93
CA ALA A 52 -21.92 -3.70 -2.63
C ALA A 52 -20.55 -3.08 -2.78
N ALA A 53 -20.26 -2.04 -1.99
CA ALA A 53 -18.92 -1.47 -1.93
C ALA A 53 -18.24 -2.22 -0.78
N ILE A 54 -17.09 -2.87 -1.07
CA ILE A 54 -16.41 -3.66 -0.06
C ILE A 54 -15.03 -3.09 0.20
N LYS A 55 -14.80 -2.63 1.43
CA LYS A 55 -13.51 -2.06 1.80
C LYS A 55 -12.72 -3.17 2.49
N VAL A 56 -11.58 -3.53 1.90
CA VAL A 56 -10.75 -4.63 2.33
C VAL A 56 -9.56 -4.06 3.08
N MET A 57 -9.43 -4.39 4.39
N MET A 57 -9.37 -4.48 4.33
CA MET A 57 -8.41 -3.84 5.30
CA MET A 57 -8.28 -3.96 5.14
C MET A 57 -7.69 -4.90 6.12
C MET A 57 -7.61 -5.07 5.88
N ASP A 58 -6.33 -4.91 6.14
CA ASP A 58 -5.58 -5.84 6.97
C ASP A 58 -5.79 -5.41 8.41
N VAL A 59 -6.01 -6.40 9.28
CA VAL A 59 -6.22 -6.12 10.70
C VAL A 59 -5.40 -7.08 11.53
N THR A 60 -5.01 -6.66 12.74
CA THR A 60 -4.31 -7.54 13.68
C THR A 60 -5.12 -8.85 13.80
N GLU A 61 -4.45 -9.99 13.69
CA GLU A 61 -5.12 -11.27 13.76
C GLU A 61 -5.79 -11.53 15.12
N ASP A 62 -6.90 -12.29 15.09
CA ASP A 62 -7.68 -12.76 16.25
C ASP A 62 -8.21 -11.61 17.13
N GLU A 63 -8.61 -10.50 16.50
CA GLU A 63 -9.18 -9.38 17.23
C GLU A 63 -10.65 -9.14 16.81
N GLU A 64 -11.34 -10.22 16.42
CA GLU A 64 -12.73 -10.13 15.94
C GLU A 64 -13.68 -9.46 16.92
N GLU A 65 -13.55 -9.73 18.23
CA GLU A 65 -14.44 -9.12 19.22
C GLU A 65 -14.30 -7.61 19.27
N GLU A 66 -13.04 -7.12 19.28
CA GLU A 66 -12.79 -5.68 19.31
C GLU A 66 -13.23 -5.03 18.01
N ILE A 67 -13.01 -5.69 16.87
CA ILE A 67 -13.44 -5.17 15.57
C ILE A 67 -14.96 -4.99 15.55
N LYS A 68 -15.72 -6.02 15.97
CA LYS A 68 -17.20 -5.97 16.02
C LYS A 68 -17.66 -4.84 16.94
N LEU A 69 -16.96 -4.64 18.09
CA LEU A 69 -17.32 -3.58 19.03
C LEU A 69 -17.15 -2.20 18.38
N GLU A 70 -16.02 -2.00 17.67
CA GLU A 70 -15.77 -0.72 17.03
C GLU A 70 -16.73 -0.45 15.88
N ILE A 71 -17.02 -1.47 15.04
CA ILE A 71 -17.97 -1.30 13.92
C ILE A 71 -19.38 -1.04 14.46
N ASN A 72 -19.79 -1.78 15.51
CA ASN A 72 -21.13 -1.60 16.09
C ASN A 72 -21.35 -0.22 16.67
N MET A 73 -20.28 0.40 17.20
CA MET A 73 -20.40 1.75 17.76
C MET A 73 -20.56 2.81 16.65
N LEU A 74 -20.03 2.54 15.45
CA LEU A 74 -20.09 3.50 14.34
C LEU A 74 -21.21 3.31 13.30
N LYS A 75 -21.77 2.08 13.16
CA LYS A 75 -22.70 1.78 12.07
C LYS A 75 -23.94 2.64 11.99
N LYS A 76 -24.44 3.13 13.13
CA LYS A 76 -25.62 4.00 13.13
C LYS A 76 -25.39 5.24 12.28
N TYR A 77 -24.12 5.70 12.18
CA TYR A 77 -23.78 6.92 11.44
C TYR A 77 -23.79 6.74 9.96
N SER A 78 -23.92 5.50 9.48
CA SER A 78 -23.95 5.20 8.07
C SER A 78 -25.34 5.32 7.49
N HIS A 79 -26.38 5.55 8.32
CA HIS A 79 -27.74 5.63 7.78
C HIS A 79 -28.05 6.91 7.00
N HIS A 80 -27.31 8.01 7.27
CA HIS A 80 -27.44 9.32 6.63
C HIS A 80 -27.44 9.21 5.10
N ARG A 81 -28.23 10.05 4.40
CA ARG A 81 -28.37 9.98 2.95
C ARG A 81 -27.06 10.22 2.17
N ASN A 82 -26.03 10.84 2.80
CA ASN A 82 -24.77 11.08 2.10
C ASN A 82 -23.68 10.13 2.55
N ILE A 83 -24.04 9.01 3.17
CA ILE A 83 -23.11 7.98 3.60
C ILE A 83 -23.58 6.63 3.06
N ALA A 84 -22.69 5.85 2.45
CA ALA A 84 -23.08 4.51 1.97
C ALA A 84 -23.43 3.63 3.20
N THR A 85 -24.66 3.07 3.18
CA THR A 85 -25.16 2.31 4.30
C THR A 85 -24.38 1.04 4.59
N TYR A 86 -24.17 0.78 5.87
CA TYR A 86 -23.48 -0.42 6.33
C TYR A 86 -24.36 -1.64 6.08
N TYR A 87 -23.76 -2.69 5.50
CA TYR A 87 -24.42 -3.98 5.32
C TYR A 87 -23.89 -5.03 6.33
N GLY A 88 -22.59 -5.23 6.37
CA GLY A 88 -22.02 -6.25 7.25
C GLY A 88 -20.53 -6.25 7.24
N ALA A 89 -19.94 -7.20 7.95
CA ALA A 89 -18.49 -7.30 8.06
C ALA A 89 -18.12 -8.78 8.08
N PHE A 90 -17.01 -9.09 7.44
CA PHE A 90 -16.49 -10.45 7.25
C PHE A 90 -15.00 -10.48 7.49
N ILE A 91 -14.47 -11.64 7.86
CA ILE A 91 -13.03 -11.77 8.08
C ILE A 91 -12.50 -12.96 7.31
N LYS A 92 -11.33 -12.81 6.71
CA LYS A 92 -10.61 -13.92 6.09
C LYS A 92 -9.36 -14.13 6.93
N LYS A 93 -9.19 -15.37 7.44
CA LYS A 93 -8.06 -15.75 8.27
C LYS A 93 -6.82 -15.98 7.42
N SER A 94 -5.64 -15.99 8.06
CA SER A 94 -4.36 -16.15 7.35
C SER A 94 -3.39 -16.99 8.18
N PRO A 95 -2.16 -17.31 7.67
CA PRO A 95 -1.23 -18.11 8.49
C PRO A 95 -0.85 -17.45 9.81
N PRO A 96 -0.38 -18.20 10.83
CA PRO A 96 0.00 -17.57 12.11
C PRO A 96 0.93 -16.37 11.94
N GLY A 97 0.66 -15.31 12.67
CA GLY A 97 1.45 -14.10 12.62
C GLY A 97 1.05 -13.10 11.56
N HIS A 98 0.33 -13.54 10.52
CA HIS A 98 -0.10 -12.65 9.44
C HIS A 98 -1.40 -11.95 9.81
N ASP A 99 -1.55 -10.71 9.37
CA ASP A 99 -2.81 -9.98 9.60
C ASP A 99 -4.01 -10.71 9.00
N ASP A 100 -5.19 -10.59 9.63
CA ASP A 100 -6.43 -11.13 9.06
C ASP A 100 -6.87 -10.09 7.98
N GLN A 101 -7.84 -10.43 7.14
CA GLN A 101 -8.34 -9.50 6.15
C GLN A 101 -9.80 -9.22 6.49
N LEU A 102 -10.11 -7.97 6.82
CA LEU A 102 -11.47 -7.54 7.16
C LEU A 102 -12.15 -6.98 5.91
N TRP A 103 -13.37 -7.44 5.65
CA TRP A 103 -14.16 -6.94 4.53
C TRP A 103 -15.32 -6.18 5.14
N LEU A 104 -15.33 -4.85 4.96
CA LEU A 104 -16.43 -3.99 5.45
C LEU A 104 -17.36 -3.78 4.25
N VAL A 105 -18.59 -4.26 4.32
CA VAL A 105 -19.51 -4.28 3.20
C VAL A 105 -20.57 -3.21 3.37
N MET A 106 -20.70 -2.37 2.35
CA MET A 106 -21.63 -1.23 2.35
C MET A 106 -22.41 -1.21 1.05
N GLU A 107 -23.38 -0.29 0.97
CA GLU A 107 -24.09 -0.15 -0.28
C GLU A 107 -23.18 0.36 -1.38
N PHE A 108 -23.48 -0.06 -2.61
CA PHE A 108 -22.81 0.42 -3.78
C PHE A 108 -23.79 1.38 -4.45
N CYS A 109 -23.32 2.50 -4.94
CA CYS A 109 -24.18 3.43 -5.67
C CYS A 109 -23.86 3.18 -7.10
N GLY A 110 -24.92 2.94 -7.89
CA GLY A 110 -24.84 2.39 -9.23
C GLY A 110 -23.98 3.03 -10.28
N ALA A 111 -23.75 4.34 -10.15
CA ALA A 111 -22.99 5.04 -11.12
C ALA A 111 -21.49 5.02 -10.84
N GLY A 112 -21.11 4.45 -9.71
CA GLY A 112 -19.68 4.31 -9.37
C GLY A 112 -19.08 5.60 -8.85
N SER A 113 -17.73 5.70 -8.86
CA SER A 113 -17.09 6.85 -8.19
C SER A 113 -17.03 8.11 -9.01
N ILE A 114 -16.81 9.26 -8.32
CA ILE A 114 -16.67 10.50 -9.07
C ILE A 114 -15.34 10.49 -9.83
N THR A 115 -14.30 9.75 -9.36
CA THR A 115 -13.05 9.65 -10.11
C THR A 115 -13.32 8.95 -11.44
N ASP A 116 -14.11 7.85 -11.42
CA ASP A 116 -14.42 7.16 -12.69
C ASP A 116 -15.25 8.04 -13.59
N LEU A 117 -16.17 8.83 -13.02
CA LEU A 117 -16.99 9.73 -13.84
C LEU A 117 -16.12 10.75 -14.58
N VAL A 118 -15.21 11.43 -13.85
CA VAL A 118 -14.32 12.42 -14.45
C VAL A 118 -13.39 11.76 -15.50
N LYS A 119 -12.86 10.56 -15.22
CA LYS A 119 -11.99 9.83 -16.17
C LYS A 119 -12.77 9.61 -17.46
N ASN A 120 -14.08 9.37 -17.33
CA ASN A 120 -14.95 9.08 -18.48
C ASN A 120 -15.64 10.31 -19.06
N THR A 121 -15.19 11.52 -18.69
CA THR A 121 -15.75 12.77 -19.22
C THR A 121 -14.74 13.39 -20.16
N LYS A 122 -15.20 13.94 -21.30
CA LYS A 122 -14.33 14.60 -22.26
C LYS A 122 -13.59 15.75 -21.58
N GLY A 123 -12.26 15.75 -21.70
CA GLY A 123 -11.40 16.77 -21.09
C GLY A 123 -11.08 16.52 -19.63
N ASN A 124 -11.56 15.39 -19.06
CA ASN A 124 -11.35 15.01 -17.65
C ASN A 124 -11.63 16.18 -16.72
N THR A 125 -12.80 16.79 -16.90
CA THR A 125 -13.22 17.95 -16.14
C THR A 125 -14.72 17.95 -16.02
N LEU A 126 -15.23 18.28 -14.85
CA LEU A 126 -16.67 18.42 -14.63
C LEU A 126 -17.04 19.90 -14.69
N LYS A 127 -18.29 20.18 -15.07
CA LYS A 127 -18.81 21.55 -15.06
C LYS A 127 -18.75 22.08 -13.64
N GLU A 128 -18.48 23.36 -13.49
CA GLU A 128 -18.36 23.94 -12.16
C GLU A 128 -19.60 23.73 -11.29
N ASP A 129 -20.82 23.88 -11.84
CA ASP A 129 -22.00 23.75 -10.99
C ASP A 129 -22.21 22.29 -10.55
N TRP A 130 -21.66 21.32 -11.31
CA TRP A 130 -21.69 19.91 -10.87
C TRP A 130 -20.75 19.75 -9.67
N ILE A 131 -19.59 20.44 -9.73
CA ILE A 131 -18.61 20.35 -8.63
C ILE A 131 -19.19 20.95 -7.36
N ALA A 132 -19.91 22.09 -7.48
CA ALA A 132 -20.52 22.70 -6.30
C ALA A 132 -21.53 21.75 -5.68
N TYR A 133 -22.34 21.10 -6.55
CA TYR A 133 -23.35 20.19 -6.01
C TYR A 133 -22.69 18.99 -5.29
N ILE A 134 -21.72 18.36 -5.95
CA ILE A 134 -21.09 17.17 -5.38
C ILE A 134 -20.32 17.54 -4.11
N SER A 135 -19.61 18.68 -4.15
CA SER A 135 -18.85 19.12 -2.98
C SER A 135 -19.77 19.39 -1.78
N ARG A 136 -20.96 19.99 -2.04
CA ARG A 136 -21.88 20.24 -0.93
C ARG A 136 -22.33 18.91 -0.31
N GLU A 137 -22.63 17.91 -1.18
CA GLU A 137 -23.08 16.62 -0.64
C GLU A 137 -21.98 15.92 0.19
N ILE A 138 -20.72 16.00 -0.28
CA ILE A 138 -19.59 15.47 0.50
C ILE A 138 -19.54 16.18 1.85
N LEU A 139 -19.63 17.56 1.84
CA LEU A 139 -19.61 18.30 3.09
C LEU A 139 -20.77 17.94 4.02
N ARG A 140 -21.97 17.66 3.46
CA ARG A 140 -23.10 17.28 4.32
C ARG A 140 -22.84 15.91 4.98
N GLY A 141 -22.26 14.96 4.24
CA GLY A 141 -21.91 13.67 4.82
C GLY A 141 -20.87 13.84 5.90
N LEU A 142 -19.83 14.68 5.61
CA LEU A 142 -18.79 14.94 6.61
C LEU A 142 -19.36 15.67 7.85
N ALA A 143 -20.29 16.63 7.66
CA ALA A 143 -20.83 17.32 8.81
C ALA A 143 -21.55 16.36 9.75
N HIS A 144 -22.23 15.35 9.17
CA HIS A 144 -22.91 14.33 9.99
C HIS A 144 -21.88 13.56 10.82
N LEU A 145 -20.79 13.12 10.19
CA LEU A 145 -19.77 12.39 10.92
C LEU A 145 -19.11 13.30 11.96
N HIS A 146 -18.71 14.51 11.57
CA HIS A 146 -17.99 15.41 12.48
C HIS A 146 -18.79 15.82 13.70
N ILE A 147 -20.09 16.05 13.54
CA ILE A 147 -20.92 16.44 14.71
C ILE A 147 -20.97 15.28 15.71
N HIS A 148 -20.80 14.04 15.21
CA HIS A 148 -20.80 12.84 16.05
C HIS A 148 -19.38 12.43 16.45
N HIS A 149 -18.40 13.34 16.28
CA HIS A 149 -16.99 13.17 16.66
C HIS A 149 -16.29 12.03 15.91
N VAL A 150 -16.67 11.86 14.63
CA VAL A 150 -16.09 10.86 13.78
C VAL A 150 -15.30 11.54 12.67
N ILE A 151 -14.06 11.12 12.49
N ILE A 151 -14.04 11.13 12.47
CA ILE A 151 -13.22 11.58 11.40
CA ILE A 151 -13.20 11.64 11.39
C ILE A 151 -13.35 10.52 10.30
C ILE A 151 -13.15 10.56 10.31
N HIS A 152 -13.40 10.94 9.04
CA HIS A 152 -13.45 10.00 7.92
C HIS A 152 -12.06 9.50 7.55
N ARG A 153 -11.13 10.43 7.30
CA ARG A 153 -9.71 10.17 7.00
C ARG A 153 -9.43 9.55 5.64
N ASP A 154 -10.45 9.39 4.79
CA ASP A 154 -10.24 8.77 3.48
C ASP A 154 -11.04 9.50 2.39
N ILE A 155 -11.16 10.83 2.47
CA ILE A 155 -11.92 11.56 1.46
C ILE A 155 -11.06 11.73 0.22
N LYS A 156 -11.58 11.26 -0.92
CA LYS A 156 -10.95 11.39 -2.24
C LYS A 156 -12.04 10.95 -3.24
N GLY A 157 -11.87 11.29 -4.52
CA GLY A 157 -12.87 10.94 -5.53
C GLY A 157 -13.25 9.47 -5.57
N GLN A 158 -12.30 8.58 -5.33
CA GLN A 158 -12.60 7.14 -5.41
C GLN A 158 -13.55 6.72 -4.30
N ASN A 159 -13.59 7.45 -3.18
CA ASN A 159 -14.42 7.13 -2.03
C ASN A 159 -15.74 7.89 -2.00
N VAL A 160 -16.13 8.52 -3.11
CA VAL A 160 -17.39 9.26 -3.18
C VAL A 160 -18.10 8.63 -4.36
N LEU A 161 -19.25 7.98 -4.06
CA LEU A 161 -20.00 7.32 -5.14
C LEU A 161 -21.24 8.06 -5.52
N LEU A 162 -21.70 7.83 -6.76
CA LEU A 162 -22.93 8.41 -7.30
C LEU A 162 -23.95 7.34 -7.58
N THR A 163 -25.23 7.63 -7.28
CA THR A 163 -26.30 6.73 -7.70
C THR A 163 -26.68 7.18 -9.14
N GLU A 164 -27.57 6.43 -9.77
CA GLU A 164 -28.02 6.70 -11.14
C GLU A 164 -28.70 8.05 -11.29
N ASN A 165 -29.31 8.60 -10.23
CA ASN A 165 -29.91 9.95 -10.29
C ASN A 165 -29.03 10.99 -9.57
N ALA A 166 -27.72 10.70 -9.48
CA ALA A 166 -26.72 11.60 -8.93
C ALA A 166 -26.89 11.96 -7.45
N GLU A 167 -27.36 11.00 -6.62
CA GLU A 167 -27.27 11.17 -5.18
C GLU A 167 -25.80 10.81 -4.88
N VAL A 168 -25.21 11.45 -3.86
CA VAL A 168 -23.78 11.36 -3.57
C VAL A 168 -23.58 10.76 -2.20
N LYS A 169 -22.74 9.69 -2.12
CA LYS A 169 -22.52 9.05 -0.83
C LYS A 169 -21.06 8.73 -0.57
N LEU A 170 -20.62 8.96 0.68
CA LEU A 170 -19.26 8.65 1.08
C LEU A 170 -19.12 7.16 1.38
N VAL A 171 -18.00 6.55 0.95
CA VAL A 171 -17.65 5.16 1.28
C VAL A 171 -16.86 5.18 2.58
N ASP A 172 -17.30 4.39 3.57
CA ASP A 172 -16.79 4.32 4.93
C ASP A 172 -17.34 5.50 5.74
N PHE A 173 -17.47 5.24 7.03
CA PHE A 173 -18.10 6.13 7.98
C PHE A 173 -17.28 6.18 9.26
N GLY A 174 -15.95 6.12 9.10
CA GLY A 174 -15.03 6.19 10.23
C GLY A 174 -14.37 4.89 10.64
N VAL A 175 -14.76 3.75 10.02
CA VAL A 175 -14.25 2.45 10.48
C VAL A 175 -12.78 2.27 10.24
N SER A 176 -12.27 2.57 9.04
CA SER A 176 -10.85 2.41 8.74
C SER A 176 -10.01 3.26 9.68
N ALA A 177 -10.40 4.52 9.86
CA ALA A 177 -9.74 5.47 10.76
C ALA A 177 -9.74 4.91 12.21
N GLN A 178 -10.88 4.41 12.68
CA GLN A 178 -11.00 3.92 14.06
C GLN A 178 -10.24 2.62 14.32
N LEU A 179 -10.30 1.67 13.38
CA LEU A 179 -9.60 0.39 13.50
C LEU A 179 -8.09 0.60 13.51
N ASP A 180 -7.59 1.51 12.67
CA ASP A 180 -6.18 1.93 12.58
C ASP A 180 -5.64 2.30 13.94
N ARG A 181 -6.43 3.11 14.68
CA ARG A 181 -6.08 3.69 15.97
C ARG A 181 -6.36 2.82 17.17
N THR A 182 -7.04 1.68 17.00
CA THR A 182 -7.37 0.83 18.15
C THR A 182 -6.77 -0.55 17.94
N VAL A 183 -7.39 -1.33 17.06
CA VAL A 183 -7.00 -2.70 16.72
C VAL A 183 -5.64 -2.76 16.00
N GLY A 184 -5.44 -1.84 15.06
CA GLY A 184 -4.23 -1.75 14.26
C GLY A 184 -4.00 -2.95 13.36
N ARG A 185 -2.74 -3.16 12.95
CA ARG A 185 -2.31 -4.22 12.06
C ARG A 185 -0.79 -4.18 11.95
N ARG A 186 -0.19 -5.28 11.47
CA ARG A 186 1.26 -5.21 11.24
C ARG A 186 1.56 -4.64 9.84
N ASN A 187 0.68 -4.87 8.85
CA ASN A 187 0.88 -4.40 7.48
C ASN A 187 0.52 -2.93 7.30
N THR A 188 1.31 -2.06 7.92
N THR A 188 1.35 -2.01 7.88
CA THR A 188 1.06 -0.65 7.75
CA THR A 188 1.17 -0.54 7.94
C THR A 188 1.86 -0.17 6.56
C THR A 188 2.03 0.29 6.96
N PHE A 189 1.37 0.86 5.96
CA PHE A 189 1.98 1.55 4.85
C PHE A 189 1.65 3.02 4.94
N ILE A 190 2.45 3.83 4.26
CA ILE A 190 2.24 5.28 4.21
C ILE A 190 0.96 5.62 3.38
N GLY A 191 0.84 5.01 2.20
CA GLY A 191 -0.29 5.19 1.27
C GLY A 191 0.00 6.24 0.21
N THR A 192 -1.00 6.63 -0.56
CA THR A 192 -0.80 7.71 -1.53
C THR A 192 -0.90 9.05 -0.80
N PRO A 193 -0.04 10.01 -1.11
CA PRO A 193 -0.04 11.26 -0.33
C PRO A 193 -0.95 12.38 -0.81
N TYR A 194 -1.50 12.30 -2.03
CA TYR A 194 -2.00 13.48 -2.69
C TYR A 194 -3.19 14.15 -2.02
N TRP A 195 -3.99 13.44 -1.21
CA TRP A 195 -5.16 14.03 -0.56
C TRP A 195 -4.86 14.36 0.90
N MET A 196 -3.61 14.14 1.34
CA MET A 196 -3.23 14.36 2.73
C MET A 196 -3.04 15.84 3.06
N ALA A 197 -3.64 16.27 4.19
CA ALA A 197 -3.43 17.63 4.66
C ALA A 197 -2.02 17.75 5.27
N PRO A 198 -1.46 18.97 5.37
CA PRO A 198 -0.12 19.12 5.96
C PRO A 198 0.01 18.52 7.35
N GLU A 199 -1.03 18.62 8.18
CA GLU A 199 -0.92 18.09 9.56
C GLU A 199 -0.83 16.57 9.62
N VAL A 200 -1.26 15.87 8.55
CA VAL A 200 -1.22 14.39 8.53
C VAL A 200 0.21 13.94 8.24
N ILE A 201 1.05 14.83 7.69
CA ILE A 201 2.45 14.54 7.35
C ILE A 201 3.41 15.04 8.45
N ALA A 202 4.23 14.13 9.03
CA ALA A 202 5.16 14.48 10.14
C ALA A 202 6.35 15.30 9.66
N CYS A 203 6.70 16.35 10.43
N CYS A 203 6.69 16.37 10.42
CA CYS A 203 7.85 17.23 10.16
CA CYS A 203 7.83 17.26 10.17
C CYS A 203 8.32 17.90 11.46
C CYS A 203 8.30 17.93 11.46
N ASP A 204 9.39 18.73 11.42
CA ASP A 204 9.97 19.39 12.60
C ASP A 204 8.95 20.09 13.53
N GLU A 205 8.07 20.89 12.95
CA GLU A 205 7.03 21.63 13.67
C GLU A 205 5.82 20.74 14.04
N ASN A 206 5.67 19.58 13.38
CA ASN A 206 4.56 18.66 13.60
C ASN A 206 5.11 17.21 13.78
N PRO A 207 5.86 16.89 14.87
CA PRO A 207 6.48 15.56 14.98
C PRO A 207 5.53 14.38 15.19
N ASP A 208 4.33 14.61 15.74
CA ASP A 208 3.40 13.52 16.04
C ASP A 208 2.25 13.30 15.04
N ALA A 209 2.01 14.24 14.07
CA ALA A 209 0.97 14.16 13.01
C ALA A 209 -0.46 13.84 13.56
N THR A 210 -1.28 14.90 13.69
CA THR A 210 -2.64 14.93 14.26
C THR A 210 -3.75 14.12 13.59
N TYR A 211 -4.83 13.93 14.37
CA TYR A 211 -6.11 13.34 14.04
C TYR A 211 -7.11 14.44 14.43
N ASP A 212 -7.49 15.26 13.45
CA ASP A 212 -8.41 16.38 13.65
C ASP A 212 -9.40 16.37 12.51
N TYR A 213 -10.67 16.65 12.77
CA TYR A 213 -11.71 16.58 11.75
C TYR A 213 -11.44 17.48 10.54
N ARG A 214 -10.72 18.59 10.76
CA ARG A 214 -10.47 19.53 9.66
C ARG A 214 -9.60 18.95 8.57
N SER A 215 -8.86 17.85 8.86
N SER A 215 -8.89 17.83 8.86
CA SER A 215 -8.07 17.22 7.80
CA SER A 215 -8.08 17.18 7.81
C SER A 215 -9.00 16.72 6.66
C SER A 215 -9.00 16.71 6.67
N ASP A 216 -10.25 16.33 7.00
CA ASP A 216 -11.20 15.88 5.95
C ASP A 216 -11.56 17.01 5.00
N LEU A 217 -11.55 18.28 5.51
CA LEU A 217 -11.91 19.44 4.69
C LEU A 217 -10.85 19.79 3.69
N TRP A 218 -9.57 19.61 4.09
CA TRP A 218 -8.46 19.74 3.14
C TRP A 218 -8.68 18.70 2.01
N SER A 219 -8.93 17.44 2.41
CA SER A 219 -9.15 16.38 1.42
C SER A 219 -10.35 16.70 0.49
N CYS A 220 -11.40 17.31 1.04
N CYS A 220 -11.39 17.39 1.00
CA CYS A 220 -12.54 17.73 0.26
CA CYS A 220 -12.52 17.87 0.18
C CYS A 220 -12.12 18.79 -0.82
C CYS A 220 -12.02 18.76 -0.89
N GLY A 221 -11.23 19.74 -0.46
CA GLY A 221 -10.68 20.70 -1.41
C GLY A 221 -9.90 20.01 -2.52
N ILE A 222 -9.06 19.05 -2.12
CA ILE A 222 -8.28 18.32 -3.13
C ILE A 222 -9.21 17.56 -4.08
N THR A 223 -10.30 17.01 -3.53
CA THR A 223 -11.29 16.25 -4.32
C THR A 223 -12.00 17.19 -5.31
N ALA A 224 -12.21 18.46 -4.92
CA ALA A 224 -12.83 19.42 -5.85
C ALA A 224 -11.85 19.73 -7.01
N ILE A 225 -10.52 19.79 -6.71
CA ILE A 225 -9.55 20.00 -7.77
C ILE A 225 -9.53 18.74 -8.66
N GLU A 226 -9.63 17.54 -8.04
CA GLU A 226 -9.68 16.30 -8.80
C GLU A 226 -10.90 16.28 -9.78
N MET A 227 -12.06 16.83 -9.36
CA MET A 227 -13.23 16.94 -10.25
C MET A 227 -12.98 17.95 -11.36
N ALA A 228 -12.26 19.03 -11.05
CA ALA A 228 -12.01 20.10 -12.01
C ALA A 228 -10.97 19.74 -13.05
N GLU A 229 -9.94 18.99 -12.63
CA GLU A 229 -8.77 18.73 -13.47
C GLU A 229 -8.52 17.28 -13.80
N GLY A 230 -9.24 16.37 -13.16
CA GLY A 230 -9.10 14.95 -13.44
C GLY A 230 -8.05 14.24 -12.62
N ALA A 231 -7.32 14.99 -11.79
CA ALA A 231 -6.27 14.43 -10.98
C ALA A 231 -5.98 15.40 -9.85
N PRO A 232 -5.47 14.94 -8.72
CA PRO A 232 -5.14 15.88 -7.65
C PRO A 232 -3.84 16.62 -7.96
N PRO A 233 -3.54 17.71 -7.24
CA PRO A 233 -2.25 18.41 -7.45
C PRO A 233 -1.10 17.44 -7.20
N LEU A 234 0.04 17.70 -7.83
CA LEU A 234 1.28 16.93 -7.67
C LEU A 234 1.18 15.48 -8.21
N CYS A 235 0.05 15.10 -8.87
N CYS A 235 0.05 15.10 -8.85
CA CYS A 235 -0.23 13.76 -9.45
CA CYS A 235 -0.21 13.77 -9.40
C CYS A 235 0.90 13.26 -10.37
C CYS A 235 0.91 13.26 -10.35
N ASP A 236 1.71 14.17 -10.94
CA ASP A 236 2.78 13.79 -11.88
C ASP A 236 4.16 13.70 -11.22
N MET A 237 4.17 13.74 -9.88
CA MET A 237 5.35 13.70 -9.07
C MET A 237 5.47 12.35 -8.37
N HIS A 238 6.72 11.93 -8.18
CA HIS A 238 7.00 10.75 -7.34
C HIS A 238 6.31 11.02 -5.99
N PRO A 239 5.60 10.04 -5.42
CA PRO A 239 4.87 10.30 -4.16
C PRO A 239 5.74 10.72 -2.99
N MET A 240 7.01 10.25 -2.91
CA MET A 240 7.87 10.69 -1.84
C MET A 240 8.16 12.18 -1.95
N ARG A 241 8.36 12.71 -3.18
N ARG A 241 8.38 12.69 -3.17
CA ARG A 241 8.60 14.15 -3.35
CA ARG A 241 8.60 14.12 -3.32
C ARG A 241 7.30 14.94 -3.06
C ARG A 241 7.31 14.87 -2.93
N ALA A 242 6.13 14.39 -3.40
CA ALA A 242 4.87 15.07 -3.09
C ALA A 242 4.66 15.11 -1.56
N LEU A 243 5.00 14.03 -0.84
CA LEU A 243 4.86 14.00 0.61
C LEU A 243 5.71 15.09 1.26
N PHE A 244 6.91 15.33 0.75
CA PHE A 244 7.84 16.36 1.22
C PHE A 244 7.30 17.75 0.89
N LEU A 245 6.73 17.91 -0.30
CA LEU A 245 6.27 19.25 -0.73
C LEU A 245 4.95 19.71 -0.13
N ILE A 246 4.00 18.81 0.18
CA ILE A 246 2.70 19.29 0.67
C ILE A 246 2.83 20.24 1.88
N PRO A 247 3.66 19.97 2.92
CA PRO A 247 3.73 20.93 4.03
C PRO A 247 4.49 22.21 3.69
N ARG A 248 5.26 22.20 2.61
CA ARG A 248 6.15 23.31 2.22
C ARG A 248 5.56 24.24 1.19
N ASN A 249 4.96 23.68 0.16
CA ASN A 249 4.38 24.44 -0.94
C ASN A 249 3.22 25.30 -0.47
N PRO A 250 2.91 26.36 -1.21
CA PRO A 250 1.69 27.12 -0.91
C PRO A 250 0.46 26.23 -1.13
N PRO A 251 -0.72 26.67 -0.66
CA PRO A 251 -1.92 25.89 -0.92
C PRO A 251 -2.07 25.63 -2.42
N PRO A 252 -2.44 24.41 -2.81
CA PRO A 252 -2.74 24.15 -4.22
C PRO A 252 -3.85 25.06 -4.72
N ARG A 253 -3.84 25.28 -6.04
CA ARG A 253 -4.81 26.14 -6.70
C ARG A 253 -5.17 25.52 -8.03
N LEU A 254 -6.42 25.76 -8.48
CA LEU A 254 -6.86 25.40 -9.82
C LEU A 254 -5.92 26.07 -10.84
N LYS A 255 -5.56 25.34 -11.89
CA LYS A 255 -4.62 25.84 -12.90
C LYS A 255 -5.25 26.78 -13.92
N SER A 256 -6.51 26.52 -14.31
CA SER A 256 -7.23 27.32 -15.31
C SER A 256 -7.85 28.56 -14.69
N LYS A 257 -7.90 29.64 -15.48
CA LYS A 257 -8.50 30.92 -15.11
C LYS A 257 -10.01 30.89 -15.40
N LYS A 258 -10.51 29.84 -16.07
CA LYS A 258 -11.91 29.70 -16.47
C LYS A 258 -12.88 29.68 -15.31
N TRP A 259 -12.44 29.16 -14.14
CA TRP A 259 -13.29 28.97 -13.00
C TRP A 259 -13.71 30.28 -12.37
N SER A 260 -14.86 30.27 -11.70
CA SER A 260 -15.36 31.47 -11.04
C SER A 260 -14.49 31.86 -9.84
N LYS A 261 -14.58 33.13 -9.43
CA LYS A 261 -13.88 33.58 -8.25
C LYS A 261 -14.43 32.83 -7.04
N LYS A 262 -15.73 32.48 -7.03
CA LYS A 262 -16.31 31.75 -5.88
C LYS A 262 -15.68 30.35 -5.75
N PHE A 263 -15.38 29.71 -6.88
CA PHE A 263 -14.73 28.38 -6.80
C PHE A 263 -13.30 28.55 -6.26
N PHE A 264 -12.53 29.51 -6.77
CA PHE A 264 -11.19 29.77 -6.22
C PHE A 264 -11.28 30.06 -4.72
N SER A 265 -12.29 30.82 -4.29
CA SER A 265 -12.46 31.20 -2.90
C SER A 265 -12.78 29.96 -2.03
N PHE A 266 -13.60 29.02 -2.58
CA PHE A 266 -13.92 27.82 -1.83
C PHE A 266 -12.64 27.00 -1.63
N ILE A 267 -11.82 26.86 -2.69
CA ILE A 267 -10.58 26.11 -2.55
C ILE A 267 -9.67 26.77 -1.50
N GLU A 268 -9.61 28.10 -1.49
CA GLU A 268 -8.82 28.80 -0.46
C GLU A 268 -9.29 28.45 0.94
N GLY A 269 -10.60 28.27 1.13
CA GLY A 269 -11.14 27.91 2.44
C GLY A 269 -10.74 26.49 2.83
N CYS A 270 -10.91 25.53 1.88
CA CYS A 270 -10.56 24.12 2.19
C CYS A 270 -9.08 23.97 2.45
N LEU A 271 -8.25 24.70 1.67
CA LEU A 271 -6.83 24.46 1.63
C LEU A 271 -6.02 25.47 2.45
N VAL A 272 -6.52 25.84 3.62
CA VAL A 272 -5.72 26.60 4.58
C VAL A 272 -4.75 25.56 5.14
N LYS A 273 -3.44 25.82 5.02
CA LYS A 273 -2.45 24.82 5.44
C LYS A 273 -2.48 24.52 6.92
N ASN A 274 -2.59 25.56 7.77
CA ASN A 274 -2.63 25.37 9.21
C ASN A 274 -4.05 24.99 9.60
N TYR A 275 -4.25 23.72 10.04
CA TYR A 275 -5.60 23.25 10.35
C TYR A 275 -6.29 24.06 11.42
N MET A 276 -5.51 24.69 12.32
CA MET A 276 -6.12 25.51 13.38
C MET A 276 -6.83 26.73 12.82
N GLN A 277 -6.45 27.14 11.59
CA GLN A 277 -7.08 28.29 10.95
C GLN A 277 -8.01 27.88 9.82
N ARG A 278 -8.17 26.55 9.60
CA ARG A 278 -9.02 26.08 8.51
C ARG A 278 -10.48 26.10 8.97
N PRO A 279 -11.39 26.60 8.12
CA PRO A 279 -12.80 26.64 8.53
C PRO A 279 -13.36 25.27 8.83
N SER A 280 -14.44 25.25 9.65
CA SER A 280 -15.14 24.02 9.98
C SER A 280 -16.04 23.60 8.83
N THR A 281 -16.60 22.40 8.95
CA THR A 281 -17.52 21.88 7.96
C THR A 281 -18.77 22.77 7.86
N GLU A 282 -19.28 23.26 9.01
CA GLU A 282 -20.44 24.16 9.00
C GLU A 282 -20.12 25.50 8.34
N GLN A 283 -18.90 26.01 8.54
CA GLN A 283 -18.49 27.25 7.89
C GLN A 283 -18.39 27.08 6.36
N LEU A 284 -17.81 25.95 5.88
CA LEU A 284 -17.71 25.72 4.45
C LEU A 284 -19.07 25.49 3.78
N LEU A 285 -20.03 24.91 4.53
CA LEU A 285 -21.38 24.74 3.98
C LEU A 285 -22.05 26.11 3.75
N LYS A 286 -21.54 27.18 4.39
CA LYS A 286 -22.10 28.52 4.19
C LYS A 286 -21.30 29.29 3.14
N HIS A 287 -20.21 28.71 2.61
CA HIS A 287 -19.46 29.41 1.58
C HIS A 287 -20.36 29.66 0.37
N PRO A 288 -20.33 30.84 -0.27
CA PRO A 288 -21.21 31.07 -1.43
C PRO A 288 -21.14 30.00 -2.52
N PHE A 289 -19.96 29.41 -2.80
CA PHE A 289 -19.85 28.37 -3.81
C PHE A 289 -20.75 27.17 -3.48
N ILE A 290 -20.89 26.86 -2.18
CA ILE A 290 -21.65 25.72 -1.71
C ILE A 290 -23.11 26.09 -1.42
N ARG A 291 -23.31 27.24 -0.78
CA ARG A 291 -24.61 27.69 -0.31
C ARG A 291 -25.54 28.11 -1.44
N ASP A 292 -25.00 28.76 -2.47
CA ASP A 292 -25.81 29.36 -3.54
C ASP A 292 -25.76 28.55 -4.81
N GLN A 293 -26.77 27.67 -4.97
CA GLN A 293 -26.83 26.77 -6.12
C GLN A 293 -28.20 26.90 -6.82
N PRO A 294 -28.39 28.01 -7.59
CA PRO A 294 -29.70 28.25 -8.22
C PRO A 294 -30.06 27.25 -9.30
N ASN A 295 -29.07 26.52 -9.81
CA ASN A 295 -29.31 25.54 -10.87
C ASN A 295 -29.26 24.09 -10.41
N GLU A 296 -29.45 23.84 -9.10
CA GLU A 296 -29.38 22.50 -8.53
C GLU A 296 -30.23 21.44 -9.24
N ARG A 297 -31.51 21.70 -9.47
CA ARG A 297 -32.37 20.71 -10.13
C ARG A 297 -31.83 20.39 -11.55
N GLN A 298 -31.41 21.43 -12.29
CA GLN A 298 -30.83 21.28 -13.63
C GLN A 298 -29.52 20.47 -13.55
N VAL A 299 -28.70 20.74 -12.53
CA VAL A 299 -27.44 19.99 -12.39
C VAL A 299 -27.73 18.51 -12.20
N ARG A 300 -28.68 18.16 -11.29
CA ARG A 300 -28.97 16.74 -11.05
C ARG A 300 -29.50 16.03 -12.32
N ILE A 301 -30.30 16.75 -13.12
CA ILE A 301 -30.77 16.22 -14.41
C ILE A 301 -29.60 16.00 -15.36
N GLN A 302 -28.68 16.99 -15.45
CA GLN A 302 -27.51 16.87 -16.32
C GLN A 302 -26.58 15.71 -15.90
N LEU A 303 -26.40 15.55 -14.57
CA LEU A 303 -25.55 14.48 -14.06
C LEU A 303 -26.17 13.12 -14.39
N LYS A 304 -27.49 12.97 -14.16
CA LYS A 304 -28.23 11.76 -14.50
C LYS A 304 -28.04 11.44 -15.99
N ASP A 305 -28.20 12.46 -16.85
CA ASP A 305 -28.04 12.26 -18.30
C ASP A 305 -26.62 11.87 -18.68
N HIS A 306 -25.62 12.50 -18.03
CA HIS A 306 -24.22 12.23 -18.28
C HIS A 306 -23.85 10.82 -17.84
N ILE A 307 -24.40 10.37 -16.69
CA ILE A 307 -24.19 9.01 -16.17
C ILE A 307 -24.74 8.00 -17.18
N ASP A 308 -25.97 8.26 -17.70
CA ASP A 308 -26.60 7.39 -18.68
C ASP A 308 -25.77 7.26 -19.95
N ARG A 309 -25.27 8.40 -20.49
CA ARG A 309 -24.44 8.45 -21.70
C ARG A 309 -23.10 7.71 -21.53
N THR A 310 -22.47 7.86 -20.34
CA THR A 310 -21.18 7.23 -20.01
C THR A 310 -21.30 5.73 -19.99
N ARG A 311 -22.39 5.24 -19.39
CA ARG A 311 -22.71 3.83 -19.29
C ARG A 311 -22.76 3.18 -20.70
N LYS A 312 -23.40 3.86 -21.68
CA LYS A 312 -23.48 3.36 -23.06
C LYS A 312 -22.28 3.83 -23.92
N LYS B 9 17.57 -26.84 -13.42
CA LYS B 9 16.47 -27.20 -14.30
C LYS B 9 15.86 -25.94 -14.93
N SER B 10 16.33 -25.57 -16.14
CA SER B 10 15.86 -24.38 -16.83
C SER B 10 14.54 -24.62 -17.56
N LEU B 11 13.56 -23.72 -17.32
CA LEU B 11 12.24 -23.74 -17.97
C LEU B 11 12.44 -23.19 -19.38
N VAL B 12 11.95 -23.90 -20.42
CA VAL B 12 12.22 -23.53 -21.82
C VAL B 12 11.17 -22.64 -22.52
N ASP B 13 10.05 -22.34 -21.86
CA ASP B 13 8.99 -21.53 -22.45
C ASP B 13 8.88 -20.14 -21.75
N ILE B 14 9.95 -19.71 -21.08
CA ILE B 14 10.00 -18.42 -20.37
C ILE B 14 10.46 -17.34 -21.36
N ASP B 15 9.88 -16.15 -21.28
CA ASP B 15 10.26 -15.03 -22.13
C ASP B 15 10.09 -13.78 -21.27
N LEU B 16 11.21 -13.30 -20.73
CA LEU B 16 11.17 -12.13 -19.85
C LEU B 16 10.99 -10.82 -20.62
N SER B 17 10.99 -10.88 -21.97
CA SER B 17 10.86 -9.67 -22.79
C SER B 17 9.46 -9.43 -23.31
N SER B 18 8.51 -10.36 -23.11
CA SER B 18 7.19 -10.16 -23.68
C SER B 18 6.07 -10.31 -22.66
N LEU B 19 4.93 -9.68 -22.94
CA LEU B 19 3.72 -9.77 -22.13
C LEU B 19 2.80 -10.68 -22.91
N ARG B 20 2.58 -11.89 -22.40
CA ARG B 20 1.82 -12.92 -23.10
C ARG B 20 0.61 -13.38 -22.30
N ASP B 21 -0.33 -14.08 -22.95
CA ASP B 21 -1.43 -14.72 -22.24
C ASP B 21 -0.77 -15.93 -21.54
N PRO B 22 -1.12 -16.18 -20.27
CA PRO B 22 -0.48 -17.32 -19.57
C PRO B 22 -0.99 -18.71 -19.96
N ALA B 23 -2.06 -18.83 -20.77
CA ALA B 23 -2.63 -20.14 -21.13
C ALA B 23 -1.59 -21.10 -21.70
N GLY B 24 -1.49 -22.28 -21.09
CA GLY B 24 -0.52 -23.28 -21.52
C GLY B 24 0.87 -23.11 -20.96
N ILE B 25 1.11 -22.00 -20.21
CA ILE B 25 2.41 -21.68 -19.63
C ILE B 25 2.29 -21.76 -18.10
N PHE B 26 1.39 -20.93 -17.52
CA PHE B 26 1.15 -20.97 -16.08
C PHE B 26 -0.34 -21.03 -15.81
N GLU B 27 -0.70 -21.62 -14.68
CA GLU B 27 -2.08 -21.65 -14.24
C GLU B 27 -2.15 -21.43 -12.74
N LEU B 28 -3.28 -20.87 -12.25
CA LEU B 28 -3.48 -20.74 -10.81
C LEU B 28 -4.01 -22.09 -10.28
N VAL B 29 -3.61 -22.49 -9.06
CA VAL B 29 -4.11 -23.74 -8.48
C VAL B 29 -4.98 -23.45 -7.23
N GLU B 30 -5.41 -22.18 -7.06
CA GLU B 30 -6.34 -21.78 -6.00
C GLU B 30 -7.14 -20.59 -6.50
N VAL B 31 -8.31 -20.31 -5.88
CA VAL B 31 -9.12 -19.17 -6.30
C VAL B 31 -8.52 -17.85 -5.81
N VAL B 32 -8.75 -16.78 -6.61
CA VAL B 32 -8.32 -15.41 -6.29
C VAL B 32 -9.44 -14.87 -5.38
N GLY B 33 -9.39 -15.27 -4.10
CA GLY B 33 -10.41 -14.91 -3.12
C GLY B 33 -10.06 -13.84 -2.10
N ASN B 34 -8.84 -13.28 -2.17
CA ASN B 34 -8.36 -12.28 -1.22
C ASN B 34 -8.04 -10.94 -1.89
N GLY B 35 -8.64 -10.69 -3.06
CA GLY B 35 -8.39 -9.44 -3.76
C GLY B 35 -7.11 -9.46 -4.57
N THR B 36 -6.77 -8.27 -5.12
CA THR B 36 -5.63 -8.16 -6.03
C THR B 36 -4.58 -7.12 -5.57
N TYR B 37 -4.47 -6.88 -4.26
CA TYR B 37 -3.46 -5.96 -3.70
C TYR B 37 -2.62 -6.66 -2.63
N GLY B 38 -1.32 -6.77 -2.87
CA GLY B 38 -0.39 -7.44 -1.96
C GLY B 38 -0.70 -8.91 -1.74
N GLN B 39 -1.23 -9.60 -2.80
CA GLN B 39 -1.60 -11.01 -2.75
C GLN B 39 -0.90 -11.87 -3.79
N VAL B 40 -0.22 -12.87 -3.28
CA VAL B 40 0.48 -13.87 -4.08
C VAL B 40 -0.30 -15.16 -3.94
N TYR B 41 -0.69 -15.76 -5.08
CA TYR B 41 -1.46 -16.98 -5.14
C TYR B 41 -0.59 -18.15 -5.59
N LYS B 42 -0.97 -19.38 -5.19
CA LYS B 42 -0.23 -20.56 -5.60
C LYS B 42 -0.62 -20.88 -7.06
N GLY B 43 0.39 -21.15 -7.88
CA GLY B 43 0.23 -21.53 -9.28
C GLY B 43 1.09 -22.71 -9.66
N ARG B 44 1.09 -23.01 -10.97
N ARG B 44 1.09 -23.04 -10.95
CA ARG B 44 1.82 -24.15 -11.52
CA ARG B 44 1.87 -24.16 -11.47
C ARG B 44 2.33 -23.83 -12.92
C ARG B 44 2.32 -23.86 -12.89
N HIS B 45 3.56 -24.25 -13.23
CA HIS B 45 4.16 -24.18 -14.56
C HIS B 45 3.54 -25.41 -15.26
N VAL B 46 2.70 -25.16 -16.27
CA VAL B 46 1.94 -26.22 -16.94
C VAL B 46 2.82 -27.35 -17.51
N LYS B 47 3.90 -27.01 -18.21
CA LYS B 47 4.77 -28.03 -18.89
C LYS B 47 5.53 -28.92 -17.91
N THR B 48 6.00 -28.38 -16.78
CA THR B 48 6.80 -29.17 -15.84
C THR B 48 6.04 -29.66 -14.62
N GLY B 49 4.95 -29.01 -14.30
CA GLY B 49 4.19 -29.30 -13.08
C GLY B 49 4.80 -28.65 -11.86
N GLN B 50 5.89 -27.88 -12.04
CA GLN B 50 6.56 -27.19 -10.94
C GLN B 50 5.64 -26.12 -10.40
N LEU B 51 5.61 -25.99 -9.07
CA LEU B 51 4.80 -24.96 -8.44
C LEU B 51 5.41 -23.57 -8.70
N ALA B 52 4.55 -22.57 -8.68
CA ALA B 52 4.99 -21.19 -8.91
C ALA B 52 4.21 -20.26 -8.00
N ALA B 53 4.79 -19.10 -7.67
CA ALA B 53 4.11 -18.08 -6.90
C ALA B 53 3.68 -17.06 -7.95
N ILE B 54 2.40 -16.72 -7.97
CA ILE B 54 1.80 -15.80 -8.94
C ILE B 54 1.22 -14.59 -8.24
N LYS B 55 1.85 -13.43 -8.43
CA LYS B 55 1.32 -12.18 -7.89
C LYS B 55 0.30 -11.68 -8.91
N VAL B 56 -0.96 -11.55 -8.47
CA VAL B 56 -2.07 -11.18 -9.34
C VAL B 56 -2.48 -9.76 -9.03
N MET B 57 -2.48 -8.91 -10.07
CA MET B 57 -2.83 -7.50 -9.90
C MET B 57 -3.79 -7.09 -10.96
N ASP B 58 -4.81 -6.32 -10.55
CA ASP B 58 -5.75 -5.71 -11.46
C ASP B 58 -5.04 -4.60 -12.25
N VAL B 59 -5.27 -4.54 -13.57
CA VAL B 59 -4.69 -3.48 -14.43
C VAL B 59 -5.75 -2.98 -15.43
N THR B 60 -5.73 -1.67 -15.76
CA THR B 60 -6.65 -1.14 -16.77
C THR B 60 -6.09 -1.47 -18.16
N GLU B 61 -6.95 -1.48 -19.18
CA GLU B 61 -6.57 -1.78 -20.57
C GLU B 61 -5.59 -0.73 -21.11
N ASP B 62 -5.69 0.51 -20.62
CA ASP B 62 -4.79 1.58 -21.04
C ASP B 62 -3.38 1.45 -20.44
N GLU B 63 -3.25 0.77 -19.27
CA GLU B 63 -1.98 0.56 -18.56
C GLU B 63 -1.00 -0.36 -19.30
N GLU B 64 -1.47 -1.11 -20.31
CA GLU B 64 -0.64 -2.07 -21.04
C GLU B 64 0.60 -1.44 -21.68
N GLU B 65 0.49 -0.19 -22.20
CA GLU B 65 1.65 0.49 -22.79
C GLU B 65 2.74 0.78 -21.75
N GLU B 66 2.36 1.16 -20.51
CA GLU B 66 3.29 1.41 -19.42
C GLU B 66 3.95 0.10 -18.99
N ILE B 67 3.16 -0.99 -18.96
CA ILE B 67 3.66 -2.32 -18.60
C ILE B 67 4.72 -2.71 -19.63
N LYS B 68 4.43 -2.57 -20.95
CA LYS B 68 5.42 -2.94 -21.97
C LYS B 68 6.72 -2.11 -21.85
N LEU B 69 6.60 -0.81 -21.46
CA LEU B 69 7.75 0.08 -21.23
C LEU B 69 8.62 -0.51 -20.10
N GLU B 70 7.99 -0.80 -18.96
CA GLU B 70 8.69 -1.34 -17.81
C GLU B 70 9.31 -2.69 -18.14
N ILE B 71 8.64 -3.53 -18.94
CA ILE B 71 9.25 -4.79 -19.35
C ILE B 71 10.56 -4.55 -20.08
N ASN B 72 10.59 -3.51 -20.96
CA ASN B 72 11.84 -3.20 -21.67
C ASN B 72 12.95 -2.76 -20.74
N MET B 73 12.59 -2.28 -19.52
CA MET B 73 13.56 -1.80 -18.55
C MET B 73 14.18 -2.91 -17.72
N LEU B 74 13.67 -4.15 -17.82
CA LEU B 74 14.22 -5.28 -17.07
C LEU B 74 15.66 -5.54 -17.47
N LYS B 75 16.53 -5.71 -16.48
CA LYS B 75 17.93 -6.01 -16.70
C LYS B 75 18.11 -7.51 -16.76
N LYS B 76 19.14 -7.94 -17.47
CA LYS B 76 19.40 -9.36 -17.64
C LYS B 76 20.31 -9.88 -16.55
N TYR B 77 19.90 -10.99 -15.93
CA TYR B 77 20.74 -11.67 -14.95
C TYR B 77 20.31 -13.11 -14.84
N SER B 78 21.29 -13.98 -14.63
CA SER B 78 21.05 -15.42 -14.57
C SER B 78 20.35 -15.82 -13.30
N HIS B 79 20.02 -17.10 -13.21
CA HIS B 79 19.48 -17.69 -12.01
C HIS B 79 20.60 -17.64 -10.96
N HIS B 80 20.21 -17.58 -9.69
CA HIS B 80 21.16 -17.60 -8.60
C HIS B 80 20.48 -18.33 -7.46
N ARG B 81 21.25 -19.16 -6.76
CA ARG B 81 20.70 -19.96 -5.68
C ARG B 81 20.06 -19.14 -4.54
N ASN B 82 20.38 -17.82 -4.45
CA ASN B 82 19.79 -17.01 -3.40
C ASN B 82 18.73 -16.05 -3.89
N ILE B 83 18.22 -16.29 -5.10
CA ILE B 83 17.14 -15.47 -5.66
C ILE B 83 16.04 -16.41 -6.13
N ALA B 84 14.78 -16.16 -5.73
CA ALA B 84 13.65 -16.96 -6.24
C ALA B 84 13.48 -16.48 -7.67
N THR B 85 13.69 -17.38 -8.66
CA THR B 85 13.72 -16.98 -10.05
C THR B 85 12.46 -16.33 -10.58
N TYR B 86 12.61 -15.13 -11.18
CA TYR B 86 11.51 -14.44 -11.83
C TYR B 86 11.27 -15.12 -13.19
N TYR B 87 10.01 -15.49 -13.45
CA TYR B 87 9.55 -16.21 -14.63
C TYR B 87 8.77 -15.37 -15.62
N GLY B 88 8.61 -14.08 -15.37
CA GLY B 88 8.00 -13.22 -16.37
C GLY B 88 6.63 -12.71 -16.04
N ALA B 89 6.08 -11.95 -16.98
CA ALA B 89 4.83 -11.22 -16.86
C ALA B 89 3.84 -11.70 -17.89
N PHE B 90 2.60 -11.81 -17.44
CA PHE B 90 1.52 -12.30 -18.25
C PHE B 90 0.28 -11.45 -18.07
N ILE B 91 -0.58 -11.42 -19.08
CA ILE B 91 -1.84 -10.70 -19.00
C ILE B 91 -3.00 -11.66 -19.23
N LYS B 92 -3.92 -11.73 -18.25
CA LYS B 92 -5.13 -12.56 -18.30
C LYS B 92 -6.27 -11.59 -18.57
N LYS B 93 -6.71 -11.51 -19.84
CA LYS B 93 -7.76 -10.58 -20.27
C LYS B 93 -9.15 -10.91 -19.74
N SER B 94 -9.95 -9.85 -19.52
CA SER B 94 -11.33 -9.91 -19.07
C SER B 94 -12.26 -9.55 -20.24
N ASP B 99 -11.23 -4.23 -16.25
CA ASP B 99 -9.81 -4.40 -15.92
C ASP B 99 -9.34 -5.84 -16.12
N ASP B 100 -8.14 -5.98 -16.68
CA ASP B 100 -7.48 -7.27 -16.89
C ASP B 100 -6.67 -7.62 -15.63
N GLN B 101 -6.05 -8.81 -15.61
CA GLN B 101 -5.17 -9.23 -14.51
C GLN B 101 -3.78 -9.31 -15.07
N LEU B 102 -2.83 -8.70 -14.38
CA LEU B 102 -1.41 -8.87 -14.67
C LEU B 102 -0.92 -9.91 -13.70
N TRP B 103 -0.18 -10.91 -14.22
CA TRP B 103 0.42 -11.94 -13.39
C TRP B 103 1.95 -11.76 -13.44
N LEU B 104 2.59 -11.71 -12.27
CA LEU B 104 4.04 -11.72 -12.21
C LEU B 104 4.40 -13.02 -11.54
N VAL B 105 5.20 -13.81 -12.20
CA VAL B 105 5.43 -15.18 -11.79
C VAL B 105 6.84 -15.44 -11.31
N MET B 106 6.99 -16.28 -10.26
CA MET B 106 8.28 -16.52 -9.66
C MET B 106 8.33 -17.95 -9.10
N GLU B 107 9.55 -18.45 -8.90
CA GLU B 107 9.83 -19.72 -8.28
C GLU B 107 9.12 -19.80 -6.93
N PHE B 108 8.50 -20.94 -6.64
CA PHE B 108 7.76 -21.15 -5.40
C PHE B 108 8.68 -21.64 -4.30
N CYS B 109 8.67 -20.94 -3.15
CA CYS B 109 9.45 -21.34 -1.99
C CYS B 109 8.42 -21.68 -0.92
N GLY B 110 8.36 -22.94 -0.53
CA GLY B 110 7.30 -23.45 0.32
C GLY B 110 7.42 -23.45 1.82
N ALA B 111 8.58 -23.00 2.38
CA ALA B 111 8.75 -23.03 3.85
C ALA B 111 8.55 -21.65 4.56
N GLY B 112 7.83 -20.74 3.93
CA GLY B 112 7.56 -19.45 4.55
C GLY B 112 8.71 -18.47 4.43
N SER B 113 8.54 -17.34 5.05
CA SER B 113 9.53 -16.27 5.03
C SER B 113 10.39 -16.27 6.31
N ILE B 114 11.41 -15.40 6.33
CA ILE B 114 12.24 -15.26 7.53
C ILE B 114 11.43 -14.65 8.68
N THR B 115 10.50 -13.75 8.35
CA THR B 115 9.62 -13.18 9.37
C THR B 115 8.80 -14.28 10.01
N ASP B 116 8.26 -15.23 9.21
CA ASP B 116 7.50 -16.35 9.78
C ASP B 116 8.40 -17.21 10.66
N LEU B 117 9.67 -17.40 10.25
CA LEU B 117 10.64 -18.19 11.01
C LEU B 117 10.84 -17.59 12.39
N VAL B 118 11.07 -16.28 12.48
CA VAL B 118 11.29 -15.67 13.78
C VAL B 118 10.00 -15.57 14.60
N LYS B 119 8.85 -15.30 13.95
CA LYS B 119 7.56 -15.21 14.66
C LYS B 119 7.19 -16.54 15.30
N ASN B 120 7.59 -17.67 14.68
CA ASN B 120 7.30 -19.03 15.18
C ASN B 120 8.39 -19.62 16.09
N THR B 121 9.34 -18.79 16.54
CA THR B 121 10.40 -19.19 17.44
C THR B 121 10.10 -18.61 18.82
N LYS B 122 10.35 -19.42 19.88
CA LYS B 122 10.15 -18.99 21.27
C LYS B 122 11.00 -17.74 21.51
N GLY B 123 10.37 -16.71 22.04
CA GLY B 123 11.03 -15.44 22.34
C GLY B 123 11.18 -14.51 21.15
N ASN B 124 10.66 -14.92 19.96
CA ASN B 124 10.75 -14.13 18.71
C ASN B 124 12.17 -13.60 18.49
N THR B 125 13.11 -14.53 18.55
CA THR B 125 14.52 -14.22 18.39
C THR B 125 15.20 -15.43 17.80
N LEU B 126 16.07 -15.23 16.84
CA LEU B 126 16.84 -16.34 16.27
C LEU B 126 18.22 -16.36 16.92
N LYS B 127 18.84 -17.56 16.97
CA LYS B 127 20.20 -17.73 17.44
C LYS B 127 21.11 -16.90 16.55
N GLU B 128 22.16 -16.33 17.13
CA GLU B 128 23.07 -15.49 16.39
C GLU B 128 23.68 -16.16 15.16
N ASP B 129 24.05 -17.46 15.25
CA ASP B 129 24.66 -18.11 14.10
C ASP B 129 23.65 -18.35 12.97
N TRP B 130 22.34 -18.43 13.29
CA TRP B 130 21.33 -18.50 12.23
C TRP B 130 21.28 -17.13 11.55
N ILE B 131 21.38 -16.03 12.33
CA ILE B 131 21.31 -14.70 11.73
C ILE B 131 22.49 -14.46 10.80
N ALA B 132 23.70 -14.89 11.22
CA ALA B 132 24.86 -14.73 10.36
C ALA B 132 24.68 -15.53 9.06
N TYR B 133 24.15 -16.75 9.17
CA TYR B 133 23.98 -17.58 7.99
C TYR B 133 22.98 -16.95 7.04
N ILE B 134 21.80 -16.57 7.56
CA ILE B 134 20.74 -16.00 6.72
C ILE B 134 21.17 -14.66 6.13
N SER B 135 21.84 -13.82 6.95
CA SER B 135 22.31 -12.53 6.46
C SER B 135 23.33 -12.73 5.31
N ARG B 136 24.24 -13.74 5.42
CA ARG B 136 25.19 -13.96 4.34
C ARG B 136 24.46 -14.37 3.07
N GLU B 137 23.44 -15.25 3.20
CA GLU B 137 22.70 -15.67 2.00
C GLU B 137 21.99 -14.48 1.34
N ILE B 138 21.39 -13.59 2.15
CA ILE B 138 20.77 -12.38 1.59
C ILE B 138 21.86 -11.56 0.87
N LEU B 139 23.04 -11.36 1.51
CA LEU B 139 24.11 -10.59 0.87
C LEU B 139 24.62 -11.23 -0.42
N ARG B 140 24.65 -12.58 -0.48
CA ARG B 140 25.09 -13.23 -1.72
C ARG B 140 24.07 -13.00 -2.86
N GLY B 141 22.77 -13.03 -2.54
CA GLY B 141 21.75 -12.74 -3.53
C GLY B 141 21.84 -11.28 -3.96
N LEU B 142 22.06 -10.35 -2.99
CA LEU B 142 22.22 -8.94 -3.33
C LEU B 142 23.48 -8.69 -4.17
N ALA B 143 24.58 -9.40 -3.90
CA ALA B 143 25.78 -9.19 -4.71
C ALA B 143 25.53 -9.57 -6.17
N HIS B 144 24.71 -10.60 -6.41
CA HIS B 144 24.36 -10.99 -7.78
C HIS B 144 23.54 -9.88 -8.45
N LEU B 145 22.58 -9.32 -7.73
CA LEU B 145 21.78 -8.25 -8.34
C LEU B 145 22.64 -7.01 -8.54
N HIS B 146 23.41 -6.60 -7.52
CA HIS B 146 24.22 -5.38 -7.63
C HIS B 146 25.26 -5.41 -8.72
N ILE B 147 25.92 -6.59 -8.91
CA ILE B 147 26.94 -6.67 -9.98
C ILE B 147 26.27 -6.51 -11.35
N HIS B 148 24.96 -6.83 -11.45
CA HIS B 148 24.18 -6.69 -12.68
C HIS B 148 23.44 -5.36 -12.73
N HIS B 149 23.81 -4.42 -11.84
CA HIS B 149 23.27 -3.06 -11.78
C HIS B 149 21.80 -3.00 -11.44
N VAL B 150 21.38 -3.91 -10.54
CA VAL B 150 20.00 -4.00 -10.11
C VAL B 150 19.94 -3.72 -8.61
N ILE B 151 19.04 -2.80 -8.18
CA ILE B 151 18.75 -2.59 -6.76
C ILE B 151 17.48 -3.38 -6.46
N HIS B 152 17.49 -4.13 -5.35
CA HIS B 152 16.31 -4.93 -5.00
C HIS B 152 15.15 -4.02 -4.56
N ARG B 153 15.45 -3.10 -3.62
N ARG B 153 15.44 -3.04 -3.68
CA ARG B 153 14.57 -2.05 -3.07
CA ARG B 153 14.52 -2.01 -3.19
C ARG B 153 13.62 -2.50 -1.98
C ARG B 153 13.52 -2.49 -2.12
N ASP B 154 13.42 -3.80 -1.80
CA ASP B 154 12.47 -4.25 -0.78
C ASP B 154 12.95 -5.43 0.03
N ILE B 155 14.16 -5.33 0.54
CA ILE B 155 14.71 -6.34 1.43
C ILE B 155 14.06 -6.16 2.78
N LYS B 156 13.47 -7.24 3.29
CA LYS B 156 12.83 -7.29 4.59
C LYS B 156 12.57 -8.76 4.86
N GLY B 157 12.31 -9.14 6.11
CA GLY B 157 12.12 -10.55 6.43
C GLY B 157 11.02 -11.22 5.63
N GLN B 158 9.96 -10.48 5.28
CA GLN B 158 8.83 -11.07 4.52
C GLN B 158 9.24 -11.39 3.10
N ASN B 159 10.29 -10.73 2.57
CA ASN B 159 10.75 -10.93 1.20
C ASN B 159 12.00 -11.80 1.10
N VAL B 160 12.34 -12.52 2.19
CA VAL B 160 13.41 -13.51 2.19
C VAL B 160 12.74 -14.83 2.52
N LEU B 161 12.73 -15.74 1.57
CA LEU B 161 11.97 -16.97 1.74
C LEU B 161 12.85 -18.16 1.94
N LEU B 162 12.25 -19.22 2.49
CA LEU B 162 12.92 -20.49 2.68
C LEU B 162 12.27 -21.56 1.83
N THR B 163 13.08 -22.44 1.24
CA THR B 163 12.52 -23.59 0.51
C THR B 163 12.44 -24.70 1.53
N GLU B 164 11.78 -25.83 1.17
CA GLU B 164 11.66 -27.01 2.02
C GLU B 164 13.04 -27.62 2.33
N ASN B 165 14.04 -27.35 1.46
CA ASN B 165 15.42 -27.80 1.62
C ASN B 165 16.30 -26.78 2.38
N ALA B 166 15.67 -25.78 3.07
CA ALA B 166 16.34 -24.75 3.86
C ALA B 166 17.25 -23.83 3.05
N GLU B 167 16.92 -23.58 1.77
CA GLU B 167 17.67 -22.61 0.97
C GLU B 167 17.03 -21.25 1.24
N VAL B 168 17.85 -20.19 1.29
CA VAL B 168 17.41 -18.81 1.53
C VAL B 168 17.38 -18.09 0.21
N LYS B 169 16.19 -17.58 -0.17
CA LYS B 169 16.07 -16.91 -1.47
C LYS B 169 15.32 -15.57 -1.39
N LEU B 170 15.82 -14.56 -2.08
CA LEU B 170 15.15 -13.27 -2.12
C LEU B 170 13.95 -13.34 -3.07
N VAL B 171 12.87 -12.64 -2.72
CA VAL B 171 11.73 -12.51 -3.63
C VAL B 171 12.17 -11.69 -4.84
N ASP B 172 11.77 -12.11 -6.03
CA ASP B 172 12.01 -11.40 -7.27
C ASP B 172 10.83 -11.52 -8.22
N PHE B 173 9.90 -10.54 -8.18
CA PHE B 173 8.82 -10.43 -9.14
C PHE B 173 9.18 -9.44 -10.26
N GLY B 174 10.47 -9.38 -10.63
CA GLY B 174 10.98 -8.48 -11.65
C GLY B 174 11.49 -7.20 -11.01
N VAL B 175 12.42 -7.36 -10.05
CA VAL B 175 12.90 -6.21 -9.26
C VAL B 175 13.60 -5.15 -10.07
N SER B 176 14.19 -5.52 -11.22
CA SER B 176 14.90 -4.50 -11.99
C SER B 176 13.99 -3.47 -12.63
N ALA B 177 12.69 -3.75 -12.76
CA ALA B 177 11.78 -2.78 -13.35
C ALA B 177 10.65 -2.43 -12.42
N GLN B 178 10.65 -3.02 -11.19
CA GLN B 178 9.64 -2.72 -10.14
C GLN B 178 8.18 -2.83 -10.64
N LEU B 179 7.94 -3.90 -11.41
CA LEU B 179 6.67 -4.24 -12.03
C LEU B 179 5.53 -4.35 -11.02
N ASP B 180 5.83 -4.80 -9.80
CA ASP B 180 4.85 -4.96 -8.73
C ASP B 180 4.64 -3.73 -7.82
N ARG B 181 5.39 -2.64 -8.08
CA ARG B 181 5.30 -1.41 -7.29
C ARG B 181 4.68 -0.27 -8.07
N THR B 182 4.29 -0.50 -9.35
CA THR B 182 3.80 0.57 -10.22
C THR B 182 2.36 0.45 -10.78
N VAL B 183 2.05 -0.69 -11.45
CA VAL B 183 0.79 -0.98 -12.16
C VAL B 183 -0.48 -0.69 -11.31
N GLY B 184 -1.55 -0.25 -11.97
CA GLY B 184 -2.81 0.09 -11.30
C GLY B 184 -2.65 1.21 -10.29
N ARG B 185 -1.85 2.25 -10.68
CA ARG B 185 -1.46 3.44 -9.91
C ARG B 185 -0.79 3.08 -8.56
N ARG B 186 -0.18 1.89 -8.48
CA ARG B 186 0.56 1.45 -7.31
C ARG B 186 1.81 2.34 -7.19
N ASN B 187 2.24 2.97 -8.30
CA ASN B 187 3.41 3.85 -8.30
C ASN B 187 3.15 5.15 -7.55
N THR B 188 1.90 5.36 -7.12
CA THR B 188 1.61 6.59 -6.39
C THR B 188 1.52 6.28 -4.91
N PHE B 189 1.79 5.04 -4.49
CA PHE B 189 1.67 4.66 -3.10
C PHE B 189 3.04 4.51 -2.49
N ILE B 190 3.17 4.95 -1.24
CA ILE B 190 4.40 4.76 -0.48
C ILE B 190 4.06 3.57 0.43
N GLY B 191 4.95 2.60 0.44
CA GLY B 191 4.71 1.42 1.25
C GLY B 191 5.09 1.64 2.70
N THR B 192 5.53 0.56 3.31
CA THR B 192 5.92 0.61 4.70
C THR B 192 7.31 1.23 4.82
N PRO B 193 7.53 2.07 5.85
CA PRO B 193 8.82 2.79 5.91
C PRO B 193 9.94 2.08 6.67
N TYR B 194 9.65 1.02 7.44
CA TYR B 194 10.56 0.57 8.48
C TYR B 194 11.90 0.05 8.02
N TRP B 195 11.98 -0.43 6.76
CA TRP B 195 13.24 -0.98 6.26
C TRP B 195 13.91 0.03 5.33
N MET B 196 13.33 1.22 5.17
CA MET B 196 13.89 2.23 4.26
C MET B 196 15.15 2.91 4.79
N ALA B 197 16.17 3.01 3.93
CA ALA B 197 17.36 3.74 4.28
C ALA B 197 17.08 5.26 4.26
N PRO B 198 17.87 6.07 4.97
CA PRO B 198 17.61 7.52 4.98
C PRO B 198 17.59 8.13 3.57
N GLU B 199 18.43 7.66 2.63
CA GLU B 199 18.47 8.29 1.28
C GLU B 199 17.20 8.12 0.50
N VAL B 200 16.34 7.16 0.86
CA VAL B 200 15.11 7.02 0.06
C VAL B 200 13.96 7.85 0.61
N ILE B 201 14.23 8.61 1.66
CA ILE B 201 13.22 9.42 2.33
C ILE B 201 13.54 10.88 2.02
N ALA B 202 12.54 11.61 1.47
CA ALA B 202 12.75 13.01 1.17
C ALA B 202 12.71 13.88 2.43
N CYS B 203 13.65 14.83 2.53
CA CYS B 203 13.71 15.78 3.64
C CYS B 203 14.53 16.99 3.18
N ASP B 204 14.69 18.03 4.03
CA ASP B 204 15.39 19.27 3.64
C ASP B 204 16.77 19.05 3.00
N GLU B 205 17.59 18.20 3.61
CA GLU B 205 18.94 17.88 3.15
C GLU B 205 18.95 16.88 1.98
N ASN B 206 17.83 16.15 1.79
CA ASN B 206 17.71 15.17 0.72
C ASN B 206 16.37 15.39 -0.04
N PRO B 207 16.21 16.50 -0.83
CA PRO B 207 14.91 16.76 -1.48
C PRO B 207 14.52 15.80 -2.60
N ASP B 208 15.53 15.14 -3.19
CA ASP B 208 15.40 14.17 -4.27
C ASP B 208 15.86 12.82 -3.70
N ALA B 209 14.92 12.11 -3.09
CA ALA B 209 15.18 10.80 -2.48
C ALA B 209 15.47 9.80 -3.58
N THR B 210 16.57 9.05 -3.41
CA THR B 210 17.07 8.15 -4.44
C THR B 210 17.58 6.87 -3.84
N TYR B 211 17.25 5.72 -4.47
CA TYR B 211 17.76 4.42 -4.08
C TYR B 211 19.16 4.25 -4.65
N ASP B 212 20.02 3.57 -3.88
CA ASP B 212 21.36 3.16 -4.31
C ASP B 212 21.45 1.64 -4.03
N TYR B 213 22.43 0.94 -4.62
CA TYR B 213 22.70 -0.44 -4.25
C TYR B 213 22.84 -0.55 -2.74
N ARG B 214 23.52 0.45 -2.15
CA ARG B 214 23.74 0.42 -0.70
C ARG B 214 22.47 0.53 0.12
N SER B 215 21.35 1.04 -0.48
CA SER B 215 20.08 1.11 0.25
C SER B 215 19.65 -0.28 0.67
N ASP B 216 19.97 -1.30 -0.16
CA ASP B 216 19.63 -2.69 0.16
C ASP B 216 20.40 -3.18 1.37
N LEU B 217 21.62 -2.65 1.58
CA LEU B 217 22.46 -3.07 2.70
C LEU B 217 21.94 -2.51 4.01
N TRP B 218 21.42 -1.28 3.97
CA TRP B 218 20.72 -0.74 5.15
C TRP B 218 19.54 -1.69 5.48
N SER B 219 18.73 -2.04 4.45
CA SER B 219 17.59 -2.92 4.68
C SER B 219 18.03 -4.30 5.20
N CYS B 220 19.19 -4.78 4.74
CA CYS B 220 19.73 -6.03 5.25
C CYS B 220 20.01 -5.89 6.77
N GLY B 221 20.60 -4.78 7.19
CA GLY B 221 20.85 -4.55 8.61
C GLY B 221 19.55 -4.53 9.41
N ILE B 222 18.51 -3.84 8.87
CA ILE B 222 17.23 -3.82 9.56
C ILE B 222 16.65 -5.25 9.66
N THR B 223 16.84 -6.06 8.60
CA THR B 223 16.36 -7.43 8.58
C THR B 223 17.09 -8.27 9.61
N ALA B 224 18.37 -7.97 9.88
CA ALA B 224 19.13 -8.70 10.91
C ALA B 224 18.57 -8.34 12.30
N ILE B 225 18.18 -7.06 12.52
CA ILE B 225 17.53 -6.68 13.78
C ILE B 225 16.19 -7.37 13.87
N GLU B 226 15.45 -7.47 12.75
CA GLU B 226 14.17 -8.18 12.70
C GLU B 226 14.35 -9.65 13.11
N MET B 227 15.43 -10.31 12.70
CA MET B 227 15.69 -11.69 13.11
C MET B 227 16.07 -11.76 14.60
N ALA B 228 16.76 -10.74 15.09
CA ALA B 228 17.23 -10.74 16.48
C ALA B 228 16.13 -10.43 17.48
N GLU B 229 15.21 -9.53 17.10
CA GLU B 229 14.20 -9.00 18.01
C GLU B 229 12.76 -9.30 17.62
N GLY B 230 12.55 -9.83 16.43
CA GLY B 230 11.21 -10.22 15.99
C GLY B 230 10.48 -9.16 15.21
N ALA B 231 11.03 -7.94 15.17
CA ALA B 231 10.41 -6.81 14.50
C ALA B 231 11.48 -5.78 14.16
N PRO B 232 11.29 -4.98 13.10
CA PRO B 232 12.27 -3.93 12.81
C PRO B 232 12.12 -2.80 13.83
N PRO B 233 13.12 -1.90 13.90
CA PRO B 233 12.98 -0.73 14.75
C PRO B 233 11.71 0.05 14.40
N LEU B 234 11.03 0.58 15.44
CA LEU B 234 9.87 1.49 15.29
C LEU B 234 8.67 0.84 14.62
N CYS B 235 8.61 -0.49 14.63
N CYS B 235 8.61 -0.46 14.63
CA CYS B 235 7.60 -1.24 13.87
CA CYS B 235 7.62 -1.24 13.93
C CYS B 235 6.16 -0.87 14.16
C CYS B 235 6.18 -0.83 14.17
N ASP B 236 5.84 -0.49 15.41
CA ASP B 236 4.46 -0.17 15.80
C ASP B 236 4.22 1.31 15.88
N MET B 237 5.22 2.12 15.56
CA MET B 237 5.03 3.58 15.52
C MET B 237 4.19 3.91 14.29
N HIS B 238 3.36 4.96 14.34
CA HIS B 238 2.62 5.34 13.15
C HIS B 238 3.65 5.51 12.01
N PRO B 239 3.39 4.98 10.81
CA PRO B 239 4.41 5.00 9.76
C PRO B 239 4.86 6.38 9.34
N MET B 240 3.95 7.38 9.38
CA MET B 240 4.34 8.73 9.02
C MET B 240 5.36 9.26 9.99
N ARG B 241 5.17 8.97 11.29
CA ARG B 241 6.12 9.42 12.30
C ARG B 241 7.48 8.69 12.12
N ALA B 242 7.47 7.39 11.85
CA ALA B 242 8.68 6.63 11.61
C ALA B 242 9.41 7.16 10.39
N LEU B 243 8.67 7.50 9.32
CA LEU B 243 9.31 8.03 8.13
C LEU B 243 10.11 9.32 8.44
N PHE B 244 9.56 10.19 9.30
CA PHE B 244 10.20 11.43 9.75
C PHE B 244 11.44 11.13 10.60
N LEU B 245 11.36 10.11 11.47
CA LEU B 245 12.46 9.83 12.40
C LEU B 245 13.63 9.09 11.80
N ILE B 246 13.43 8.23 10.78
CA ILE B 246 14.57 7.44 10.27
C ILE B 246 15.77 8.32 9.86
N PRO B 247 15.60 9.46 9.16
CA PRO B 247 16.79 10.25 8.79
C PRO B 247 17.37 11.01 10.00
N ARG B 248 16.63 11.15 11.10
CA ARG B 248 17.01 11.95 12.27
C ARG B 248 17.61 11.15 13.39
N ASN B 249 17.00 10.00 13.70
CA ASN B 249 17.45 9.14 14.78
C ASN B 249 18.87 8.61 14.52
N PRO B 250 19.59 8.26 15.57
CA PRO B 250 20.89 7.61 15.35
C PRO B 250 20.67 6.25 14.65
N PRO B 251 21.73 5.62 14.13
CA PRO B 251 21.53 4.30 13.54
C PRO B 251 20.83 3.39 14.54
N PRO B 252 19.86 2.59 14.10
CA PRO B 252 19.30 1.58 15.00
C PRO B 252 20.40 0.64 15.52
N ARG B 253 20.18 0.05 16.67
CA ARG B 253 21.13 -0.84 17.30
C ARG B 253 20.35 -1.89 18.07
N LEU B 254 20.89 -3.10 18.12
CA LEU B 254 20.32 -4.18 18.92
C LEU B 254 20.19 -3.69 20.39
N LYS B 255 19.07 -4.05 21.02
CA LYS B 255 18.78 -3.61 22.36
C LYS B 255 19.43 -4.46 23.45
N SER B 256 19.58 -5.77 23.21
CA SER B 256 20.18 -6.70 24.19
C SER B 256 21.69 -6.66 24.11
N LYS B 257 22.34 -6.83 25.25
CA LYS B 257 23.81 -6.90 25.39
C LYS B 257 24.31 -8.33 25.14
N LYS B 258 23.41 -9.29 24.99
CA LYS B 258 23.73 -10.71 24.79
C LYS B 258 24.52 -10.99 23.53
N TRP B 259 24.32 -10.18 22.48
CA TRP B 259 24.91 -10.40 21.18
C TRP B 259 26.41 -10.15 21.18
N SER B 260 27.12 -10.82 20.25
CA SER B 260 28.56 -10.65 20.15
C SER B 260 28.95 -9.26 19.65
N LYS B 261 30.21 -8.88 19.92
CA LYS B 261 30.72 -7.60 19.42
C LYS B 261 30.71 -7.64 17.88
N LYS B 262 30.96 -8.83 17.27
CA LYS B 262 30.97 -8.93 15.79
C LYS B 262 29.58 -8.63 15.22
N PHE B 263 28.53 -9.08 15.91
CA PHE B 263 27.17 -8.78 15.42
C PHE B 263 26.88 -7.28 15.53
N PHE B 264 27.22 -6.65 16.68
CA PHE B 264 27.03 -5.21 16.79
C PHE B 264 27.82 -4.49 15.70
N SER B 265 29.03 -4.96 15.38
CA SER B 265 29.88 -4.35 14.37
C SER B 265 29.28 -4.48 12.99
N PHE B 266 28.66 -5.64 12.70
CA PHE B 266 28.02 -5.83 11.39
C PHE B 266 26.86 -4.85 11.25
N ILE B 267 26.05 -4.71 12.29
CA ILE B 267 24.93 -3.76 12.23
C ILE B 267 25.44 -2.33 11.99
N GLU B 268 26.54 -1.96 12.68
CA GLU B 268 27.12 -0.64 12.46
C GLU B 268 27.54 -0.44 11.00
N GLY B 269 28.04 -1.49 10.32
CA GLY B 269 28.41 -1.40 8.92
C GLY B 269 27.16 -1.21 8.04
N CYS B 270 26.12 -2.03 8.26
CA CYS B 270 24.92 -1.91 7.44
C CYS B 270 24.25 -0.56 7.62
N LEU B 271 24.22 -0.08 8.88
CA LEU B 271 23.39 1.06 9.22
C LEU B 271 24.15 2.37 9.34
N VAL B 272 25.08 2.60 8.43
CA VAL B 272 25.71 3.91 8.31
C VAL B 272 24.61 4.75 7.62
N LYS B 273 24.20 5.86 8.26
CA LYS B 273 23.10 6.66 7.71
C LYS B 273 23.41 7.26 6.36
N ASN B 274 24.61 7.83 6.18
CA ASN B 274 25.01 8.43 4.91
C ASN B 274 25.46 7.32 3.96
N TYR B 275 24.68 7.05 2.90
CA TYR B 275 24.99 5.93 2.01
C TYR B 275 26.37 6.07 1.37
N MET B 276 26.87 7.31 1.23
CA MET B 276 28.20 7.48 0.63
C MET B 276 29.30 6.91 1.50
N GLN B 277 29.02 6.73 2.80
CA GLN B 277 30.00 6.18 3.74
C GLN B 277 29.66 4.76 4.12
N ARG B 278 28.57 4.21 3.57
CA ARG B 278 28.15 2.86 3.90
C ARG B 278 28.96 1.86 3.09
N PRO B 279 29.43 0.77 3.68
CA PRO B 279 30.22 -0.21 2.91
C PRO B 279 29.41 -0.82 1.77
N SER B 280 30.13 -1.36 0.77
CA SER B 280 29.52 -2.02 -0.36
C SER B 280 29.12 -3.45 0.03
N THR B 281 28.39 -4.16 -0.86
CA THR B 281 27.98 -5.52 -0.60
C THR B 281 29.23 -6.40 -0.48
N GLU B 282 30.20 -6.19 -1.39
CA GLU B 282 31.41 -6.98 -1.32
C GLU B 282 32.17 -6.75 -0.03
N GLN B 283 32.19 -5.49 0.48
CA GLN B 283 32.85 -5.23 1.76
C GLN B 283 32.11 -5.93 2.92
N LEU B 284 30.76 -5.89 2.94
CA LEU B 284 30.01 -6.56 4.01
C LEU B 284 30.15 -8.08 3.98
N LEU B 285 30.33 -8.66 2.77
CA LEU B 285 30.56 -10.11 2.69
C LEU B 285 31.90 -10.50 3.35
N LYS B 286 32.82 -9.52 3.52
CA LYS B 286 34.10 -9.79 4.17
C LYS B 286 34.05 -9.43 5.65
N HIS B 287 32.91 -8.87 6.18
CA HIS B 287 32.85 -8.54 7.58
C HIS B 287 32.98 -9.84 8.38
N PRO B 288 33.74 -9.86 9.50
CA PRO B 288 33.88 -11.10 10.26
C PRO B 288 32.58 -11.81 10.64
N PHE B 289 31.52 -11.06 10.96
CA PHE B 289 30.24 -11.69 11.30
C PHE B 289 29.71 -12.54 10.15
N ILE B 290 29.93 -12.09 8.89
CA ILE B 290 29.46 -12.80 7.71
C ILE B 290 30.48 -13.82 7.20
N ARG B 291 31.75 -13.43 7.19
CA ARG B 291 32.83 -14.22 6.59
C ARG B 291 33.17 -15.45 7.41
N ASP B 292 33.13 -15.35 8.74
CA ASP B 292 33.60 -16.42 9.64
C ASP B 292 32.46 -17.16 10.28
N GLN B 293 32.06 -18.29 9.64
CA GLN B 293 30.94 -19.08 10.09
C GLN B 293 31.36 -20.55 10.27
N PRO B 294 32.06 -20.85 11.39
CA PRO B 294 32.54 -22.24 11.62
C PRO B 294 31.44 -23.28 11.82
N ASN B 295 30.23 -22.82 12.13
CA ASN B 295 29.11 -23.75 12.34
C ASN B 295 28.06 -23.74 11.23
N GLU B 296 28.41 -23.21 10.02
N GLU B 296 28.43 -23.22 10.03
CA GLU B 296 27.44 -23.11 8.92
CA GLU B 296 27.52 -23.11 8.89
C GLU B 296 26.80 -24.44 8.52
C GLU B 296 26.84 -24.43 8.49
N ARG B 297 27.58 -25.57 8.56
CA ARG B 297 27.01 -26.89 8.22
C ARG B 297 25.96 -27.28 9.22
N GLN B 298 26.25 -27.06 10.52
CA GLN B 298 25.28 -27.34 11.57
C GLN B 298 24.07 -26.41 11.53
N VAL B 299 24.28 -25.12 11.19
CA VAL B 299 23.14 -24.20 11.12
C VAL B 299 22.15 -24.65 10.01
N ARG B 300 22.68 -25.11 8.87
CA ARG B 300 21.81 -25.56 7.77
C ARG B 300 20.97 -26.75 8.21
N ILE B 301 21.60 -27.70 8.96
CA ILE B 301 20.90 -28.87 9.50
C ILE B 301 19.80 -28.44 10.47
N GLN B 302 20.12 -27.48 11.36
CA GLN B 302 19.15 -26.96 12.32
C GLN B 302 17.95 -26.28 11.63
N LEU B 303 18.22 -25.49 10.57
CA LEU B 303 17.16 -24.80 9.83
C LEU B 303 16.24 -25.81 9.15
N LYS B 304 16.83 -26.81 8.50
CA LYS B 304 16.09 -27.89 7.84
C LYS B 304 15.24 -28.68 8.84
N ASP B 305 15.82 -29.00 10.02
N ASP B 305 15.81 -29.00 10.02
CA ASP B 305 15.06 -29.72 11.05
CA ASP B 305 15.09 -29.68 11.09
C ASP B 305 13.93 -28.85 11.62
C ASP B 305 13.90 -28.84 11.55
N HIS B 306 14.13 -27.53 11.74
CA HIS B 306 13.11 -26.59 12.20
C HIS B 306 11.97 -26.49 11.19
N ILE B 307 12.32 -26.48 9.89
CA ILE B 307 11.34 -26.43 8.79
C ILE B 307 10.51 -27.73 8.82
N ASP B 308 11.19 -28.88 8.93
CA ASP B 308 10.55 -30.20 9.00
C ASP B 308 9.56 -30.27 10.17
N ARG B 309 9.97 -29.82 11.39
CA ARG B 309 9.13 -29.81 12.59
C ARG B 309 7.89 -28.92 12.45
N THR B 310 8.07 -27.74 11.83
CA THR B 310 6.99 -26.75 11.59
C THR B 310 5.92 -27.31 10.64
N ARG B 311 6.37 -27.99 9.56
CA ARG B 311 5.56 -28.62 8.51
C ARG B 311 4.57 -29.65 9.06
N LYS B 312 4.96 -30.38 10.13
CA LYS B 312 4.14 -31.38 10.81
C LYS B 312 4.07 -31.14 12.32
S DMS C . 11.49 -22.69 19.21
O DMS C . 11.25 -23.68 18.16
C1 DMS C . 11.22 -23.58 20.73
C2 DMS C . 13.26 -22.58 19.30
#